data_8UF7
#
_entry.id   8UF7
#
_cell.length_a   1.00
_cell.length_b   1.00
_cell.length_c   1.00
_cell.angle_alpha   90.00
_cell.angle_beta   90.00
_cell.angle_gamma   90.00
#
_symmetry.space_group_name_H-M   'P 1'
#
loop_
_entity.id
_entity.type
_entity.pdbx_description
1 polymer 'POmAb Light Chain'
2 polymer 'POmAb Heavy Chain'
3 polymer Prothrombin
#
loop_
_entity_poly.entity_id
_entity_poly.type
_entity_poly.pdbx_seq_one_letter_code
_entity_poly.pdbx_strand_id
1 'polypeptide(L)'
;QIVLTQSPAIMSVSLGERVTMTCIVSSSVSSTYLHWYQQKPGSSPKLWIYSSSNLASGVPTRFSGSGSGTSHSLTISSME
AEDAAAYYCQLYRRSPLTFGAGTKLELKRADAAPTVSIFPPSSEQLTSGGASVVCFLNNFYPKDINVKWKIDGSERQNGV
LNSWTDQDSKDSTYSMSSTLTLTKDEYERHNSYTCEATHKTSTSPIVKSFNRNEC
;
A
2 'polypeptide(L)'
;EVHLVESGGGLVKPGGSLKLSCAASGFTFSSYYMYWVRQTPEKRLEWVATISNGGIYTYYLDSVRGRFTISRDNAKNILY
LQMSGLSSADSAIYYCTRDGERQGAMDYWGQGTSVTVSSAKTTPPSVYPLAPGSAAQTNSMVTLGCLVKGYFPEPVTVTW
NSGSLSSGVHTFPAVLQSDLYTLSSSVTVPSSTWPSETVTCNVAHPASSTKVDKKIVP
;
B
3 'polypeptide(L)'
;ANTFLEEVRKGNLERECVEETCSYEEAFEALESSTATDVFWAKYTACETARTPRDKLAACLEGNCAEGLGTNYRGHVNIT
RSGIECQLWRSRYPHKPEINSTTHPGADLQENFCRNPDSSTTGPWCYTTDPTVRRQECSIPVCGQDQVTVAMTPRSEGSS
VNLSPPLEQCVPDRGQQYQGRLAVTTHGLPCLAWASAQAKALSKHQDFNSAVQLVENFCRNPDGDEEGVWCYVAGKPGDF
GYCDLNYCEEAVEEETGDGLDEDSDRAIEGRTATSEYQTFFNPRTFGSGEADCGLRPLFEKKSLEDKTERELLESYIDGR
IVEGSDAEIGMSPWQVMLFRKSPQELLCGASLISDRWVLTAAHCLLYPPWDKNFTENDLLVRIGKHSRTRYERNIEKISM
LEKIYIHPRYNWRENLDRDIALMKLKKPVAFSDYIHPVCLPDRETAASLLQAGYKGRVTGWGNLKETWTANVGKGQPSVL
QVVNLPIVERPVCKDSTRIRITDNMFCAGYKPDEGKRGDACEGDSGGPFVMKSPFNNRWYQMGIVSWGEGCDRDGKYGFY
THVFRLKKWIQKVIDQFGE
;
C
#
# COMPACT_ATOMS: atom_id res chain seq x y z
N GLN A 1 20.30 -14.50 -0.45
CA GLN A 1 19.34 -15.38 -1.10
C GLN A 1 18.14 -15.64 -0.21
N ILE A 2 17.15 -16.34 -0.77
CA ILE A 2 15.97 -16.80 -0.05
C ILE A 2 15.21 -15.63 0.56
N VAL A 3 15.83 -14.89 1.45
CA VAL A 3 15.19 -13.76 2.11
C VAL A 3 15.89 -12.47 1.68
N LEU A 4 15.39 -11.36 2.20
CA LEU A 4 15.88 -10.04 1.80
C LEU A 4 15.48 -9.02 2.85
N THR A 5 16.39 -8.12 3.20
CA THR A 5 16.12 -7.03 4.11
C THR A 5 16.35 -5.70 3.41
N GLN A 6 15.62 -4.67 3.83
CA GLN A 6 15.66 -3.36 3.21
C GLN A 6 16.20 -2.33 4.17
N SER A 7 16.47 -1.13 3.64
CA SER A 7 16.98 -0.02 4.45
C SER A 7 16.88 1.25 3.65
N PRO A 8 16.42 2.36 4.23
CA PRO A 8 15.81 2.53 5.55
C PRO A 8 14.30 2.39 5.48
N ALA A 9 13.58 2.90 6.48
CA ALA A 9 12.12 2.85 6.47
C ALA A 9 11.53 4.08 5.79
N ILE A 10 11.86 5.27 6.28
CA ILE A 10 11.22 6.51 5.85
C ILE A 10 12.30 7.48 5.40
N MET A 11 12.10 8.07 4.23
CA MET A 11 12.92 9.17 3.74
C MET A 11 12.03 10.36 3.42
N SER A 12 12.61 11.55 3.58
CA SER A 12 11.92 12.80 3.25
C SER A 12 12.89 13.60 2.38
N VAL A 13 12.86 13.34 1.10
CA VAL A 13 13.83 13.94 0.19
C VAL A 13 13.20 15.16 -0.47
N SER A 14 14.05 16.09 -0.85
CA SER A 14 13.59 17.36 -1.39
C SER A 14 13.46 17.27 -2.91
N LEU A 15 13.36 18.41 -3.57
CA LEU A 15 13.20 18.48 -5.02
C LEU A 15 14.55 18.72 -5.69
N GLY A 16 14.93 17.82 -6.59
CA GLY A 16 16.16 17.98 -7.34
C GLY A 16 17.41 17.46 -6.67
N GLU A 17 17.28 16.56 -5.69
CA GLU A 17 18.41 16.05 -4.95
C GLU A 17 18.58 14.56 -5.21
N ARG A 18 19.84 14.13 -5.34
CA ARG A 18 20.12 12.71 -5.57
C ARG A 18 19.66 11.87 -4.39
N VAL A 19 19.07 10.72 -4.69
CA VAL A 19 18.41 9.89 -3.69
C VAL A 19 18.82 8.44 -3.91
N THR A 20 19.06 7.72 -2.82
CA THR A 20 19.44 6.31 -2.88
C THR A 20 18.55 5.51 -1.95
N MET A 21 18.45 4.22 -2.22
CA MET A 21 17.66 3.29 -1.39
C MET A 21 18.37 1.95 -1.42
N THR A 22 19.13 1.65 -0.37
CA THR A 22 19.84 0.38 -0.31
C THR A 22 18.86 -0.77 -0.09
N CYS A 23 19.29 -1.98 -0.43
CA CYS A 23 18.53 -3.19 -0.21
C CYS A 23 19.54 -4.27 0.15
N ILE A 24 19.81 -4.41 1.44
CA ILE A 24 20.86 -5.32 1.91
C ILE A 24 20.27 -6.73 1.89
N VAL A 25 20.60 -7.48 0.85
CA VAL A 25 20.19 -8.88 0.73
C VAL A 25 21.39 -9.74 1.08
N SER A 26 21.12 -11.02 1.35
CA SER A 26 22.19 -11.95 1.70
C SER A 26 22.88 -12.43 0.41
N SER A 27 23.96 -11.75 0.05
CA SER A 27 24.94 -12.20 -0.95
C SER A 27 24.49 -12.08 -2.40
N SER A 28 23.25 -11.70 -2.65
CA SER A 28 22.77 -11.35 -4.00
C SER A 28 23.12 -12.44 -5.02
N VAL A 29 22.52 -13.61 -4.81
CA VAL A 29 22.90 -14.80 -5.58
C VAL A 29 22.72 -14.59 -7.08
N SER A 30 21.81 -13.69 -7.46
CA SER A 30 21.61 -13.34 -8.86
C SER A 30 21.43 -11.83 -8.94
N SER A 31 22.46 -11.14 -9.45
CA SER A 31 22.42 -9.69 -9.48
C SER A 31 21.36 -9.14 -10.44
N THR A 32 20.85 -9.97 -11.33
CA THR A 32 19.80 -9.58 -12.27
C THR A 32 18.47 -10.25 -11.96
N TYR A 33 18.18 -10.43 -10.67
CA TYR A 33 16.91 -11.01 -10.24
C TYR A 33 16.16 -10.10 -9.26
N LEU A 34 16.56 -8.84 -9.16
CA LEU A 34 15.99 -7.93 -8.15
C LEU A 34 15.33 -6.75 -8.84
N HIS A 35 14.13 -6.40 -8.38
CA HIS A 35 13.29 -5.40 -9.01
C HIS A 35 12.73 -4.43 -7.96
N TRP A 36 12.32 -3.26 -8.43
CA TRP A 36 11.75 -2.23 -7.57
C TRP A 36 10.44 -1.73 -8.16
N TYR A 37 9.67 -1.02 -7.33
CA TYR A 37 8.31 -0.60 -7.68
C TYR A 37 8.07 0.77 -7.09
N GLN A 38 6.85 1.28 -7.25
CA GLN A 38 6.34 2.36 -6.41
C GLN A 38 4.88 2.07 -6.09
N GLN A 39 4.36 2.78 -5.09
CA GLN A 39 2.94 2.74 -4.79
C GLN A 39 2.52 4.15 -4.34
N LYS A 40 2.00 4.93 -5.28
CA LYS A 40 1.56 6.27 -4.97
C LYS A 40 0.40 6.22 -3.98
N PRO A 41 0.19 7.30 -3.20
CA PRO A 41 -0.76 7.18 -2.09
C PRO A 41 -2.18 7.05 -2.61
N GLY A 42 -2.63 5.81 -2.65
CA GLY A 42 -3.92 5.43 -3.18
C GLY A 42 -3.70 5.06 -4.63
N SER A 43 -3.42 3.80 -4.91
CA SER A 43 -3.05 3.37 -6.25
C SER A 43 -2.72 1.89 -6.28
N SER A 44 -2.48 1.38 -7.40
CA SER A 44 -1.83 0.10 -7.43
C SER A 44 -0.35 0.28 -7.76
N PRO A 45 0.51 -0.60 -7.23
CA PRO A 45 1.94 -0.46 -7.52
C PRO A 45 2.23 -0.55 -9.01
N LYS A 46 3.29 0.14 -9.44
CA LYS A 46 3.73 0.13 -10.81
C LYS A 46 5.21 -0.22 -10.85
N LEU A 47 5.57 -1.16 -11.71
CA LEU A 47 6.96 -1.50 -11.95
C LEU A 47 7.75 -0.28 -12.40
N TRP A 48 8.94 -0.09 -11.83
CA TRP A 48 9.92 0.83 -12.38
C TRP A 48 11.17 0.12 -12.86
N ILE A 49 11.83 -0.66 -12.01
CA ILE A 49 13.12 -1.24 -12.31
C ILE A 49 12.99 -2.76 -12.24
N TYR A 50 13.36 -3.43 -13.34
CA TYR A 50 13.27 -4.88 -13.42
C TYR A 50 14.64 -5.45 -13.77
N SER A 51 15.05 -6.47 -13.02
CA SER A 51 16.33 -7.14 -13.20
C SER A 51 17.47 -6.13 -13.19
N SER A 52 17.61 -5.45 -12.07
CA SER A 52 18.67 -4.47 -11.84
C SER A 52 18.52 -3.35 -12.87
N SER A 53 19.61 -2.78 -13.38
CA SER A 53 19.55 -1.54 -14.12
C SER A 53 18.94 -1.71 -15.51
N ASN A 54 17.64 -1.97 -15.56
CA ASN A 54 16.91 -2.02 -16.82
C ASN A 54 15.48 -1.61 -16.52
N LEU A 55 15.09 -0.42 -16.96
CA LEU A 55 13.78 0.13 -16.65
C LEU A 55 12.70 -0.56 -17.45
N ALA A 56 11.49 -0.55 -16.92
CA ALA A 56 10.33 -1.06 -17.63
C ALA A 56 9.83 -0.01 -18.61
N SER A 57 8.63 -0.20 -19.16
CA SER A 57 8.07 0.74 -20.12
C SER A 57 7.50 1.96 -19.39
N GLY A 58 7.87 3.14 -19.87
CA GLY A 58 7.36 4.38 -19.32
C GLY A 58 8.07 4.88 -18.07
N VAL A 59 9.06 4.15 -17.58
CA VAL A 59 9.80 4.58 -16.39
C VAL A 59 10.61 5.82 -16.73
N PRO A 60 10.64 6.83 -15.86
CA PRO A 60 11.54 7.97 -16.10
C PRO A 60 12.99 7.51 -16.15
N THR A 61 13.76 8.15 -17.02
CA THR A 61 15.16 7.79 -17.26
C THR A 61 16.08 8.19 -16.13
N ARG A 62 15.55 8.64 -14.99
CA ARG A 62 16.38 9.07 -13.88
C ARG A 62 16.65 7.95 -12.88
N PHE A 63 16.20 6.73 -13.15
CA PHE A 63 16.41 5.61 -12.25
C PHE A 63 17.69 4.87 -12.62
N SER A 64 18.15 4.02 -11.69
CA SER A 64 19.36 3.24 -11.94
C SER A 64 19.33 2.02 -11.04
N GLY A 65 20.12 1.02 -11.41
CA GLY A 65 20.24 -0.17 -10.61
C GLY A 65 21.66 -0.67 -10.42
N SER A 66 22.11 -0.68 -9.18
CA SER A 66 23.35 -1.35 -8.80
C SER A 66 22.99 -2.76 -8.34
N GLY A 67 23.87 -3.42 -7.60
CA GLY A 67 23.57 -4.74 -7.10
C GLY A 67 24.62 -5.79 -7.39
N SER A 68 25.87 -5.34 -7.53
CA SER A 68 26.97 -6.27 -7.72
C SER A 68 27.40 -6.89 -6.40
N GLY A 69 26.45 -7.45 -5.65
CA GLY A 69 26.77 -8.21 -4.46
C GLY A 69 26.25 -7.63 -3.16
N THR A 70 25.26 -8.32 -2.57
CA THR A 70 24.83 -8.14 -1.18
C THR A 70 24.21 -6.77 -0.94
N SER A 71 24.23 -5.89 -1.94
CA SER A 71 23.73 -4.53 -1.77
C SER A 71 23.23 -4.01 -3.10
N HIS A 72 21.94 -3.69 -3.16
CA HIS A 72 21.31 -3.16 -4.35
C HIS A 72 20.66 -1.82 -4.03
N SER A 73 20.98 -0.80 -4.81
CA SER A 73 20.52 0.54 -4.48
C SER A 73 20.09 1.26 -5.75
N LEU A 74 18.96 1.97 -5.66
CA LEU A 74 18.54 2.84 -6.74
C LEU A 74 19.18 4.22 -6.60
N THR A 75 19.14 4.98 -7.69
CA THR A 75 19.68 6.33 -7.71
C THR A 75 18.73 7.18 -8.57
N ILE A 76 17.71 7.73 -7.92
CA ILE A 76 16.77 8.61 -8.59
C ILE A 76 17.29 10.04 -8.49
N SER A 77 17.53 10.67 -9.64
CA SER A 77 17.98 12.06 -9.70
C SER A 77 17.06 12.78 -10.68
N SER A 78 15.94 13.29 -10.18
CA SER A 78 14.94 13.91 -11.03
C SER A 78 14.52 15.26 -10.46
N MET A 79 14.17 16.18 -11.35
CA MET A 79 13.69 17.50 -10.97
C MET A 79 12.20 17.54 -10.68
N GLU A 80 11.43 16.60 -11.25
CA GLU A 80 9.99 16.57 -11.01
C GLU A 80 9.71 16.08 -9.59
N ALA A 81 8.49 16.39 -9.12
CA ALA A 81 8.07 16.03 -7.77
C ALA A 81 7.10 14.86 -7.72
N GLU A 82 6.66 14.35 -8.86
CA GLU A 82 5.66 13.30 -8.86
C GLU A 82 6.19 11.99 -8.30
N ASP A 83 7.50 11.87 -8.11
CA ASP A 83 8.13 10.64 -7.66
C ASP A 83 7.80 10.30 -6.23
N ALA A 84 6.99 11.10 -5.55
CA ALA A 84 6.62 10.81 -4.16
C ALA A 84 5.77 9.56 -4.12
N ALA A 85 6.33 8.46 -3.64
CA ALA A 85 5.61 7.21 -3.55
C ALA A 85 6.38 6.28 -2.63
N ALA A 86 5.77 5.15 -2.31
CA ALA A 86 6.42 4.11 -1.53
C ALA A 86 7.08 3.14 -2.49
N TYR A 87 8.40 3.20 -2.58
CA TYR A 87 9.15 2.32 -3.45
C TYR A 87 9.53 1.05 -2.71
N TYR A 88 9.27 -0.09 -3.33
CA TYR A 88 9.50 -1.38 -2.71
C TYR A 88 10.49 -2.20 -3.54
N CYS A 89 11.44 -2.81 -2.86
CA CYS A 89 12.51 -3.58 -3.48
C CYS A 89 12.13 -5.05 -3.43
N GLN A 90 12.10 -5.69 -4.59
CA GLN A 90 11.74 -7.10 -4.68
C GLN A 90 12.82 -7.85 -5.45
N LEU A 91 13.34 -8.89 -4.82
CA LEU A 91 14.29 -9.81 -5.46
C LEU A 91 13.57 -11.12 -5.72
N TYR A 92 13.54 -11.54 -6.97
CA TYR A 92 12.83 -12.77 -7.32
C TYR A 92 13.58 -13.97 -6.78
N ARG A 93 12.91 -14.77 -5.95
CA ARG A 93 13.56 -15.94 -5.37
C ARG A 93 12.60 -17.13 -5.24
N ARG A 94 11.67 -17.28 -6.18
CA ARG A 94 10.81 -18.47 -6.26
C ARG A 94 9.94 -18.51 -5.01
N SER A 95 9.86 -19.64 -4.29
CA SER A 95 8.91 -19.76 -3.18
C SER A 95 9.21 -18.82 -2.03
N PRO A 96 10.45 -18.70 -1.53
CA PRO A 96 10.68 -17.83 -0.37
C PRO A 96 10.77 -16.36 -0.71
N LEU A 97 10.29 -15.98 -1.91
CA LEU A 97 10.39 -14.61 -2.37
C LEU A 97 9.86 -13.62 -1.34
N THR A 98 10.59 -12.52 -1.16
CA THR A 98 10.23 -11.49 -0.21
C THR A 98 10.39 -10.12 -0.85
N PHE A 99 9.52 -9.19 -0.46
CA PHE A 99 9.62 -7.81 -0.88
C PHE A 99 10.49 -7.03 0.09
N GLY A 100 10.61 -5.73 -0.13
CA GLY A 100 11.30 -4.86 0.80
C GLY A 100 10.39 -4.43 1.94
N ALA A 101 10.97 -3.67 2.86
CA ALA A 101 10.22 -3.16 4.00
C ALA A 101 9.54 -1.83 3.69
N GLY A 102 9.75 -1.27 2.51
CA GLY A 102 9.22 0.03 2.19
C GLY A 102 10.22 1.14 2.45
N THR A 103 10.42 2.00 1.46
CA THR A 103 11.31 3.16 1.57
C THR A 103 10.54 4.42 1.24
N LYS A 104 9.39 4.60 1.90
CA LYS A 104 8.45 5.67 1.57
C LYS A 104 9.15 7.00 1.41
N LEU A 105 9.09 7.54 0.21
CA LEU A 105 9.72 8.82 -0.13
C LEU A 105 8.70 9.92 0.12
N GLU A 106 8.88 10.66 1.21
CA GLU A 106 8.08 11.84 1.49
C GLU A 106 8.81 13.09 1.03
N LEU A 107 8.13 14.22 1.12
CA LEU A 107 8.66 15.47 0.61
C LEU A 107 9.08 16.39 1.74
N LYS A 108 9.57 17.57 1.36
CA LYS A 108 10.14 18.54 2.29
C LYS A 108 9.78 19.94 1.80
N ARG A 109 9.19 20.74 2.68
CA ARG A 109 8.79 22.10 2.37
C ARG A 109 9.06 22.99 3.57
N ALA A 110 8.82 24.28 3.41
CA ALA A 110 9.00 25.21 4.51
C ALA A 110 8.05 24.87 5.65
N ASP A 111 8.54 24.99 6.88
CA ASP A 111 7.73 24.66 8.05
C ASP A 111 6.54 25.60 8.16
N ALA A 112 5.37 25.04 8.44
CA ALA A 112 4.15 25.81 8.56
C ALA A 112 3.50 25.54 9.91
N ALA A 113 3.05 26.61 10.57
CA ALA A 113 2.34 26.45 11.83
C ALA A 113 0.94 25.91 11.57
N PRO A 114 0.45 24.99 12.40
CA PRO A 114 -0.89 24.46 12.18
C PRO A 114 -1.96 25.55 12.28
N THR A 115 -2.97 25.44 11.41
CA THR A 115 -4.20 26.20 11.55
C THR A 115 -5.13 25.35 12.40
N VAL A 116 -5.42 25.81 13.61
CA VAL A 116 -6.06 24.99 14.62
C VAL A 116 -7.31 25.71 15.12
N SER A 117 -8.37 24.95 15.38
CA SER A 117 -9.60 25.50 15.92
C SER A 117 -10.37 24.36 16.56
N ILE A 118 -10.64 24.46 17.86
CA ILE A 118 -11.38 23.40 18.55
C ILE A 118 -12.86 23.56 18.25
N PHE A 119 -13.55 22.44 18.17
CA PHE A 119 -14.96 22.41 17.82
C PHE A 119 -15.76 21.88 18.99
N PRO A 120 -16.70 22.65 19.53
CA PRO A 120 -17.50 22.15 20.65
C PRO A 120 -18.39 21.01 20.20
N PRO A 121 -18.86 20.17 21.11
CA PRO A 121 -19.81 19.13 20.74
C PRO A 121 -21.10 19.75 20.22
N SER A 122 -21.66 19.12 19.19
CA SER A 122 -22.92 19.58 18.63
C SER A 122 -24.07 19.16 19.54
N SER A 123 -25.20 19.85 19.40
CA SER A 123 -26.35 19.59 20.26
C SER A 123 -26.87 18.17 20.05
N GLU A 124 -26.98 17.74 18.79
CA GLU A 124 -27.43 16.38 18.52
C GLU A 124 -26.44 15.36 19.06
N GLN A 125 -25.15 15.69 19.01
CA GLN A 125 -24.15 14.82 19.61
C GLN A 125 -24.38 14.68 21.11
N LEU A 126 -24.65 15.79 21.79
CA LEU A 126 -24.91 15.74 23.22
C LEU A 126 -26.16 14.92 23.52
N THR A 127 -27.23 15.14 22.76
CA THR A 127 -28.45 14.37 22.98
C THR A 127 -28.26 12.89 22.67
N SER A 128 -27.28 12.55 21.83
CA SER A 128 -26.98 11.15 21.58
C SER A 128 -26.53 10.44 22.85
N GLY A 129 -25.85 11.15 23.73
CA GLY A 129 -25.40 10.56 24.98
C GLY A 129 -23.90 10.65 25.19
N GLY A 130 -23.26 11.58 24.50
CA GLY A 130 -21.82 11.73 24.63
C GLY A 130 -21.35 13.03 24.02
N ALA A 131 -20.13 13.39 24.36
CA ALA A 131 -19.50 14.61 23.85
C ALA A 131 -18.09 14.27 23.38
N SER A 132 -17.67 14.92 22.29
CA SER A 132 -16.36 14.66 21.71
C SER A 132 -15.79 15.97 21.20
N VAL A 133 -15.00 16.63 22.05
CA VAL A 133 -14.31 17.83 21.62
C VAL A 133 -13.22 17.45 20.63
N VAL A 134 -13.20 18.11 19.48
CA VAL A 134 -12.26 17.80 18.40
C VAL A 134 -11.45 19.05 18.08
N CYS A 135 -10.13 18.89 18.05
CA CYS A 135 -9.20 20.00 17.90
C CYS A 135 -8.43 19.78 16.60
N PHE A 136 -9.01 20.21 15.49
CA PHE A 136 -8.40 19.98 14.19
C PHE A 136 -7.15 20.84 14.04
N LEU A 137 -6.11 20.25 13.45
CA LEU A 137 -4.91 20.98 13.07
C LEU A 137 -4.68 20.75 11.58
N ASN A 138 -4.52 21.83 10.82
CA ASN A 138 -4.37 21.74 9.38
C ASN A 138 -3.24 22.64 8.92
N ASN A 139 -2.68 22.29 7.76
CA ASN A 139 -1.67 23.11 7.07
C ASN A 139 -0.42 23.31 7.94
N PHE A 140 0.25 22.20 8.21
CA PHE A 140 1.55 22.22 8.89
C PHE A 140 2.47 21.20 8.23
N TYR A 141 3.72 21.59 7.96
CA TYR A 141 4.62 20.70 7.25
C TYR A 141 5.24 19.63 8.15
N PRO A 142 5.91 19.98 9.24
CA PRO A 142 6.62 18.94 10.03
C PRO A 142 5.65 17.94 10.62
N LYS A 143 6.09 16.69 10.72
CA LYS A 143 5.21 15.61 11.13
C LYS A 143 5.20 15.36 12.63
N ASP A 144 6.08 15.99 13.39
CA ASP A 144 6.19 15.73 14.82
C ASP A 144 5.28 16.69 15.59
N ILE A 145 4.21 16.15 16.17
CA ILE A 145 3.27 16.93 16.96
C ILE A 145 2.85 16.11 18.18
N ASN A 146 2.88 16.75 19.35
CA ASN A 146 2.40 16.15 20.61
C ASN A 146 1.45 17.17 21.24
N VAL A 147 0.17 17.05 20.89
CA VAL A 147 -0.83 17.97 21.42
C VAL A 147 -1.22 17.54 22.83
N LYS A 148 -1.37 18.52 23.72
CA LYS A 148 -1.75 18.28 25.11
C LYS A 148 -3.17 18.80 25.33
N TRP A 149 -4.01 17.98 25.97
CA TRP A 149 -5.39 18.35 26.25
C TRP A 149 -5.54 18.68 27.72
N LYS A 150 -6.11 19.85 28.00
CA LYS A 150 -6.28 20.34 29.36
C LYS A 150 -7.76 20.55 29.66
N ILE A 151 -8.21 20.02 30.79
CA ILE A 151 -9.59 20.16 31.26
C ILE A 151 -9.52 20.86 32.61
N ASP A 152 -9.93 22.13 32.65
CA ASP A 152 -9.74 22.98 33.82
C ASP A 152 -8.29 22.94 34.32
N GLY A 153 -7.35 23.02 33.37
CA GLY A 153 -5.95 23.10 33.69
C GLY A 153 -5.29 21.78 34.01
N SER A 154 -6.02 20.67 33.99
CA SER A 154 -5.48 19.35 34.31
C SER A 154 -5.23 18.58 33.03
N GLU A 155 -4.04 18.00 32.91
CA GLU A 155 -3.71 17.21 31.73
C GLU A 155 -4.62 15.98 31.64
N ARG A 156 -5.02 15.64 30.43
CA ARG A 156 -5.98 14.59 30.15
C ARG A 156 -5.43 13.65 29.09
N GLN A 157 -4.22 13.14 29.34
CA GLN A 157 -3.52 12.33 28.36
C GLN A 157 -4.38 11.17 27.87
N ASN A 158 -5.04 10.47 28.79
CA ASN A 158 -5.88 9.35 28.39
C ASN A 158 -7.15 9.85 27.70
N GLY A 159 -7.62 9.07 26.73
CA GLY A 159 -8.77 9.44 25.94
C GLY A 159 -8.49 10.34 24.76
N VAL A 160 -7.24 10.78 24.58
CA VAL A 160 -6.87 11.63 23.45
C VAL A 160 -6.48 10.73 22.29
N LEU A 161 -7.15 10.90 21.16
CA LEU A 161 -6.93 10.08 19.97
C LEU A 161 -6.33 10.96 18.88
N ASN A 162 -5.15 10.58 18.41
CA ASN A 162 -4.43 11.34 17.41
C ASN A 162 -4.51 10.62 16.07
N SER A 163 -4.98 11.32 15.04
CA SER A 163 -5.11 10.77 13.71
C SER A 163 -4.24 11.57 12.75
N TRP A 164 -3.37 10.87 12.03
CA TRP A 164 -2.47 11.50 11.06
C TRP A 164 -2.94 11.21 9.65
N THR A 165 -2.57 12.10 8.74
CA THR A 165 -2.91 12.00 7.34
C THR A 165 -1.65 11.77 6.50
N ASP A 166 -1.83 11.10 5.37
CA ASP A 166 -0.74 10.94 4.43
C ASP A 166 -0.35 12.29 3.85
N GLN A 167 0.84 12.35 3.27
CA GLN A 167 1.38 13.60 2.76
C GLN A 167 0.40 14.23 1.76
N ASP A 168 0.19 15.53 1.89
CA ASP A 168 -0.75 16.20 1.00
C ASP A 168 -0.24 16.14 -0.44
N SER A 169 -1.17 15.87 -1.35
CA SER A 169 -0.80 15.72 -2.75
C SER A 169 -0.53 17.06 -3.43
N LYS A 170 -1.21 18.12 -3.01
CA LYS A 170 -1.12 19.40 -3.70
C LYS A 170 -0.05 20.31 -3.11
N ASP A 171 -0.19 20.67 -1.83
CA ASP A 171 0.70 21.62 -1.19
C ASP A 171 1.77 20.96 -0.33
N SER A 172 1.78 19.64 -0.24
CA SER A 172 2.79 18.89 0.52
C SER A 172 2.79 19.30 2.00
N THR A 173 1.64 19.11 2.65
CA THR A 173 1.52 19.36 4.08
C THR A 173 0.92 18.14 4.78
N TYR A 174 0.64 18.27 6.07
CA TYR A 174 0.01 17.22 6.86
C TYR A 174 -1.25 17.78 7.51
N SER A 175 -2.09 16.88 7.99
CA SER A 175 -3.29 17.27 8.73
C SER A 175 -3.39 16.44 9.99
N MET A 176 -3.93 17.03 11.05
CA MET A 176 -3.91 16.45 12.39
C MET A 176 -5.28 16.60 13.04
N SER A 177 -5.66 15.62 13.85
CA SER A 177 -6.91 15.66 14.59
C SER A 177 -6.73 15.02 15.94
N SER A 178 -7.28 15.66 16.97
CA SER A 178 -7.26 15.14 18.33
C SER A 178 -8.67 15.16 18.89
N THR A 179 -9.11 14.04 19.47
CA THR A 179 -10.46 13.90 19.98
C THR A 179 -10.42 13.32 21.39
N LEU A 180 -11.48 13.61 22.16
CA LEU A 180 -11.70 13.00 23.46
C LEU A 180 -13.03 12.26 23.45
N THR A 181 -13.04 11.04 23.97
CA THR A 181 -14.27 10.28 24.13
C THR A 181 -14.87 10.54 25.51
N LEU A 182 -15.15 11.82 25.76
CA LEU A 182 -15.68 12.24 27.04
C LEU A 182 -17.12 11.74 27.22
N THR A 183 -17.52 11.65 28.47
CA THR A 183 -18.90 11.33 28.83
C THR A 183 -19.56 12.56 29.43
N LYS A 184 -20.89 12.62 29.32
CA LYS A 184 -21.62 13.83 29.67
C LYS A 184 -21.43 14.21 31.13
N ASP A 185 -21.52 13.25 32.03
CA ASP A 185 -21.36 13.56 33.46
C ASP A 185 -19.96 14.10 33.73
N GLU A 186 -18.94 13.53 33.10
CA GLU A 186 -17.61 14.11 33.20
C GLU A 186 -17.54 15.44 32.46
N TYR A 187 -18.25 15.53 31.33
CA TYR A 187 -18.33 16.80 30.61
C TYR A 187 -19.08 17.85 31.44
N GLU A 188 -20.16 17.43 32.09
CA GLU A 188 -20.93 18.38 32.89
C GLU A 188 -20.20 18.78 34.17
N ARG A 189 -19.44 17.87 34.76
CA ARG A 189 -18.77 18.17 36.03
C ARG A 189 -17.78 19.30 35.87
N HIS A 190 -17.00 19.29 34.80
CA HIS A 190 -16.05 20.34 34.53
C HIS A 190 -16.71 21.48 33.76
N ASN A 191 -15.93 22.50 33.45
CA ASN A 191 -16.45 23.66 32.75
C ASN A 191 -15.58 24.21 31.64
N SER A 192 -14.27 23.93 31.63
CA SER A 192 -13.39 24.54 30.66
C SER A 192 -12.51 23.49 29.99
N TYR A 193 -12.29 23.64 28.68
CA TYR A 193 -11.49 22.74 27.88
C TYR A 193 -10.51 23.55 27.07
N THR A 194 -9.23 23.18 27.10
CA THR A 194 -8.21 23.84 26.31
C THR A 194 -7.33 22.80 25.62
N CYS A 195 -7.21 22.90 24.30
CA CYS A 195 -6.38 22.01 23.51
C CYS A 195 -5.07 22.72 23.19
N GLU A 196 -3.96 22.17 23.67
CA GLU A 196 -2.64 22.78 23.54
C GLU A 196 -1.87 22.08 22.44
N ALA A 197 -1.38 22.85 21.46
CA ALA A 197 -0.64 22.30 20.35
C ALA A 197 0.84 22.67 20.51
N THR A 198 1.69 21.66 20.59
CA THR A 198 3.14 21.85 20.72
C THR A 198 3.79 21.40 19.42
N HIS A 199 4.48 22.33 18.77
CA HIS A 199 5.09 22.11 17.46
C HIS A 199 6.58 22.39 17.53
N LYS A 200 7.32 21.80 16.59
CA LYS A 200 8.75 22.06 16.53
C LYS A 200 9.04 23.51 16.19
N THR A 201 8.27 24.10 15.27
CA THR A 201 8.52 25.47 14.85
C THR A 201 8.20 26.47 15.96
N SER A 202 7.03 26.32 16.58
CA SER A 202 6.59 27.25 17.62
C SER A 202 7.08 26.76 18.98
N THR A 203 7.96 27.54 19.61
CA THR A 203 8.46 27.18 20.94
C THR A 203 7.33 27.19 21.96
N SER A 204 6.57 28.28 22.03
CA SER A 204 5.43 28.35 22.92
C SER A 204 4.26 27.58 22.32
N PRO A 205 3.55 26.78 23.12
CA PRO A 205 2.40 26.06 22.59
C PRO A 205 1.33 27.01 22.07
N ILE A 206 0.72 26.62 20.96
CA ILE A 206 -0.40 27.37 20.39
C ILE A 206 -1.68 26.74 20.93
N VAL A 207 -2.34 27.44 21.85
CA VAL A 207 -3.48 26.93 22.59
C VAL A 207 -4.65 27.87 22.41
N LYS A 208 -5.85 27.30 22.29
CA LYS A 208 -7.07 28.10 22.34
C LYS A 208 -8.06 27.40 23.26
N SER A 209 -8.98 28.17 23.80
CA SER A 209 -9.86 27.72 24.86
C SER A 209 -11.26 27.48 24.35
N PHE A 210 -11.95 26.56 24.99
CA PHE A 210 -13.36 26.29 24.76
C PHE A 210 -14.07 26.33 26.10
N ASN A 211 -14.84 27.39 26.34
CA ASN A 211 -15.56 27.57 27.60
C ASN A 211 -17.04 27.41 27.35
N ARG A 212 -17.73 26.70 28.24
CA ARG A 212 -19.14 26.40 28.06
C ARG A 212 -19.95 27.66 28.33
N ASN A 213 -20.00 28.52 27.31
CA ASN A 213 -20.72 29.80 27.38
C ASN A 213 -21.96 29.81 26.49
N GLU A 214 -21.80 29.54 25.20
CA GLU A 214 -22.92 29.57 24.27
C GLU A 214 -22.63 28.62 23.12
N CYS A 215 -23.71 28.23 22.43
CA CYS A 215 -23.59 27.32 21.29
C CYS A 215 -23.84 28.05 19.98
N LEU B 4 -3.25 -5.66 -19.81
CA LEU B 4 -3.86 -4.39 -20.13
C LEU B 4 -4.75 -3.91 -19.00
N VAL B 5 -5.91 -4.55 -18.85
CA VAL B 5 -6.90 -4.15 -17.86
C VAL B 5 -7.32 -5.36 -17.06
N GLU B 6 -7.41 -5.21 -15.74
CA GLU B 6 -8.03 -6.19 -14.86
C GLU B 6 -9.01 -5.47 -13.94
N SER B 7 -10.09 -6.17 -13.59
CA SER B 7 -11.17 -5.55 -12.82
C SER B 7 -10.85 -5.50 -11.34
N GLY B 8 -10.72 -6.66 -10.70
CA GLY B 8 -10.40 -6.71 -9.29
C GLY B 8 -11.55 -6.50 -8.34
N GLY B 9 -12.51 -7.44 -8.30
CA GLY B 9 -13.59 -7.36 -7.33
C GLY B 9 -13.19 -7.86 -5.96
N GLY B 10 -14.09 -7.65 -4.99
CA GLY B 10 -13.87 -8.10 -3.63
C GLY B 10 -14.27 -7.09 -2.57
N LEU B 11 -14.35 -7.52 -1.31
CA LEU B 11 -14.81 -6.67 -0.22
C LEU B 11 -14.37 -7.26 1.11
N VAL B 12 -14.91 -6.73 2.21
CA VAL B 12 -14.49 -7.10 3.56
C VAL B 12 -15.16 -8.39 3.99
N LYS B 13 -14.39 -9.29 4.59
CA LYS B 13 -14.91 -10.58 5.06
C LYS B 13 -14.41 -10.84 6.47
N PRO B 14 -15.30 -10.89 7.46
CA PRO B 14 -14.85 -10.99 8.86
C PRO B 14 -14.77 -12.41 9.40
N GLY B 15 -15.46 -13.36 8.78
CA GLY B 15 -15.55 -14.68 9.36
C GLY B 15 -14.51 -15.68 8.92
N GLY B 16 -14.37 -15.88 7.62
CA GLY B 16 -13.52 -16.93 7.08
C GLY B 16 -13.11 -16.67 5.65
N SER B 17 -13.29 -17.67 4.81
CA SER B 17 -12.80 -17.63 3.43
C SER B 17 -13.51 -16.56 2.61
N LEU B 18 -12.80 -16.05 1.61
CA LEU B 18 -13.33 -15.09 0.66
C LEU B 18 -13.09 -15.58 -0.75
N LYS B 19 -14.08 -15.40 -1.62
CA LYS B 19 -13.95 -15.70 -3.04
C LYS B 19 -13.72 -14.39 -3.78
N LEU B 20 -12.60 -14.32 -4.52
CA LEU B 20 -12.20 -13.07 -5.15
C LEU B 20 -11.58 -13.40 -6.50
N SER B 21 -11.63 -12.42 -7.40
CA SER B 21 -11.10 -12.64 -8.75
C SER B 21 -10.87 -11.29 -9.44
N CYS B 22 -10.04 -11.33 -10.47
CA CYS B 22 -9.82 -10.20 -11.37
C CYS B 22 -10.15 -10.65 -12.79
N ALA B 23 -10.96 -9.88 -13.50
CA ALA B 23 -11.27 -10.15 -14.90
C ALA B 23 -10.26 -9.40 -15.76
N ALA B 24 -9.31 -10.12 -16.33
CA ALA B 24 -8.18 -9.51 -17.04
C ALA B 24 -8.31 -9.81 -18.52
N SER B 25 -8.30 -8.75 -19.34
CA SER B 25 -8.45 -8.91 -20.77
C SER B 25 -7.77 -7.74 -21.48
N GLY B 26 -7.44 -7.97 -22.75
CA GLY B 26 -6.72 -6.98 -23.53
C GLY B 26 -5.51 -7.58 -24.22
N PHE B 27 -4.86 -8.51 -23.54
CA PHE B 27 -3.73 -9.26 -24.07
C PHE B 27 -4.13 -10.74 -24.13
N THR B 28 -3.15 -11.59 -24.41
CA THR B 28 -3.38 -13.02 -24.48
C THR B 28 -2.97 -13.67 -23.15
N PHE B 29 -3.87 -14.48 -22.61
CA PHE B 29 -3.59 -15.23 -21.39
C PHE B 29 -2.85 -16.53 -21.63
N SER B 30 -2.49 -16.84 -22.87
CA SER B 30 -1.73 -18.03 -23.18
C SER B 30 -0.22 -17.81 -23.19
N SER B 31 0.24 -16.61 -22.81
CA SER B 31 1.65 -16.29 -22.93
C SER B 31 2.27 -15.62 -21.72
N TYR B 32 1.49 -15.35 -20.66
CA TYR B 32 1.99 -14.60 -19.53
C TYR B 32 1.53 -15.22 -18.22
N TYR B 33 2.45 -15.27 -17.25
CA TYR B 33 2.11 -15.73 -15.92
C TYR B 33 1.29 -14.67 -15.19
N MET B 34 0.53 -15.11 -14.20
CA MET B 34 -0.25 -14.21 -13.36
C MET B 34 0.34 -14.20 -11.96
N TYR B 35 0.30 -13.04 -11.31
CA TYR B 35 0.88 -12.83 -9.99
C TYR B 35 -0.14 -12.13 -9.09
N TRP B 36 -0.21 -12.56 -7.84
CA TRP B 36 -1.07 -11.94 -6.84
C TRP B 36 -0.21 -11.40 -5.71
N VAL B 37 -0.42 -10.14 -5.36
CA VAL B 37 0.37 -9.44 -4.35
C VAL B 37 -0.58 -8.79 -3.36
N ARG B 38 -0.28 -8.94 -2.07
CA ARG B 38 -1.04 -8.31 -1.02
C ARG B 38 -0.20 -7.23 -0.34
N GLN B 39 -0.87 -6.26 0.27
CA GLN B 39 -0.20 -5.17 0.97
C GLN B 39 -0.91 -4.90 2.29
N THR B 40 -0.26 -5.28 3.40
CA THR B 40 -0.83 -5.06 4.70
C THR B 40 -0.95 -3.56 4.97
N PRO B 41 -1.85 -3.16 5.86
CA PRO B 41 -2.01 -1.71 6.14
C PRO B 41 -0.75 -1.05 6.64
N GLU B 42 0.20 -1.81 7.19
CA GLU B 42 1.49 -1.25 7.53
C GLU B 42 2.44 -1.24 6.33
N LYS B 43 1.90 -0.78 5.19
CA LYS B 43 2.65 -0.54 3.95
C LYS B 43 3.72 -1.60 3.69
N ARG B 44 3.31 -2.87 3.80
CA ARG B 44 4.22 -3.99 3.59
C ARG B 44 3.58 -4.97 2.62
N LEU B 45 4.31 -5.35 1.59
CA LEU B 45 3.84 -6.32 0.60
C LEU B 45 4.50 -7.67 0.82
N GLU B 46 3.69 -8.70 0.87
CA GLU B 46 4.14 -10.09 0.82
C GLU B 46 3.49 -10.73 -0.39
N TRP B 47 4.31 -11.12 -1.36
CA TRP B 47 3.81 -11.78 -2.55
C TRP B 47 3.01 -13.01 -2.15
N VAL B 48 1.80 -13.11 -2.65
CA VAL B 48 0.89 -14.21 -2.31
C VAL B 48 0.66 -15.02 -3.58
N ALA B 49 1.49 -16.06 -3.76
CA ALA B 49 1.29 -17.07 -4.79
C ALA B 49 1.38 -16.50 -6.20
N THR B 50 1.41 -17.38 -7.20
CA THR B 50 1.47 -17.01 -8.61
C THR B 50 1.25 -18.26 -9.45
N ILE B 51 0.61 -18.08 -10.62
CA ILE B 51 0.20 -19.19 -11.45
C ILE B 51 0.93 -19.11 -12.78
N SER B 52 1.18 -20.28 -13.38
CA SER B 52 1.90 -20.39 -14.64
C SER B 52 0.96 -20.11 -15.81
N ASN B 53 1.44 -20.41 -17.02
CA ASN B 53 0.66 -20.16 -18.23
C ASN B 53 -0.55 -21.07 -18.32
N GLY B 54 -0.64 -22.08 -17.48
CA GLY B 54 -1.85 -22.85 -17.33
C GLY B 54 -2.18 -23.00 -15.87
N GLY B 55 -2.38 -24.24 -15.43
CA GLY B 55 -2.47 -24.53 -14.01
C GLY B 55 -1.33 -25.46 -13.64
N ILE B 56 -0.30 -25.47 -14.48
CA ILE B 56 0.75 -26.48 -14.38
C ILE B 56 1.59 -26.27 -13.11
N TYR B 57 1.99 -25.03 -12.85
CA TYR B 57 2.85 -24.75 -11.70
C TYR B 57 2.40 -23.47 -11.01
N THR B 58 2.00 -23.60 -9.75
CA THR B 58 1.55 -22.50 -8.92
C THR B 58 2.46 -22.40 -7.71
N TYR B 59 2.65 -21.20 -7.21
CA TYR B 59 3.54 -20.97 -6.07
C TYR B 59 2.75 -20.41 -4.87
N TYR B 60 3.47 -20.04 -3.82
CA TYR B 60 2.89 -19.65 -2.55
C TYR B 60 4.01 -19.23 -1.61
N LEU B 61 3.65 -18.47 -0.58
CA LEU B 61 4.61 -18.05 0.43
C LEU B 61 4.60 -19.06 1.59
N ASP B 62 5.50 -18.84 2.55
CA ASP B 62 5.62 -19.77 3.68
C ASP B 62 4.35 -19.79 4.51
N SER B 63 3.78 -18.62 4.80
CA SER B 63 2.52 -18.53 5.54
C SER B 63 1.31 -18.60 4.63
N VAL B 64 1.52 -18.67 3.31
CA VAL B 64 0.43 -18.68 2.35
C VAL B 64 0.14 -20.08 1.82
N ARG B 65 1.13 -20.98 1.81
CA ARG B 65 0.90 -22.34 1.35
C ARG B 65 -0.20 -23.01 2.18
N GLY B 66 -1.11 -23.68 1.48
CA GLY B 66 -2.17 -24.42 2.12
C GLY B 66 -3.39 -23.61 2.48
N ARG B 67 -3.35 -22.29 2.30
CA ARG B 67 -4.49 -21.42 2.58
C ARG B 67 -5.01 -20.73 1.34
N PHE B 68 -4.14 -20.08 0.58
CA PHE B 68 -4.55 -19.45 -0.66
C PHE B 68 -4.65 -20.48 -1.78
N THR B 69 -5.10 -20.02 -2.95
CA THR B 69 -5.20 -20.87 -4.14
C THR B 69 -5.33 -19.97 -5.35
N ILE B 70 -4.45 -20.14 -6.33
CA ILE B 70 -4.47 -19.34 -7.55
C ILE B 70 -4.70 -20.25 -8.73
N SER B 71 -5.75 -19.96 -9.51
CA SER B 71 -6.00 -20.61 -10.78
C SER B 71 -6.67 -19.61 -11.70
N ARG B 72 -6.45 -19.77 -13.00
CA ARG B 72 -6.96 -18.82 -13.99
C ARG B 72 -7.75 -19.55 -15.06
N ASP B 73 -8.64 -18.81 -15.71
CA ASP B 73 -9.45 -19.30 -16.83
C ASP B 73 -9.02 -18.53 -18.08
N ASN B 74 -8.22 -19.17 -18.93
CA ASN B 74 -7.70 -18.50 -20.12
C ASN B 74 -8.82 -18.14 -21.09
N ALA B 75 -9.78 -19.03 -21.27
CA ALA B 75 -10.84 -18.80 -22.25
C ALA B 75 -11.70 -17.60 -21.88
N LYS B 76 -12.04 -17.45 -20.60
CA LYS B 76 -12.91 -16.37 -20.17
C LYS B 76 -12.16 -15.07 -19.90
N ASN B 77 -10.83 -15.10 -19.90
CA ASN B 77 -10.01 -13.93 -19.60
C ASN B 77 -10.31 -13.39 -18.20
N ILE B 78 -10.24 -14.28 -17.21
CA ILE B 78 -10.47 -13.94 -15.80
C ILE B 78 -9.40 -14.61 -14.96
N LEU B 79 -8.89 -13.89 -13.96
CA LEU B 79 -7.89 -14.40 -13.02
C LEU B 79 -8.50 -14.48 -11.63
N TYR B 80 -8.27 -15.59 -10.93
CA TYR B 80 -8.96 -15.89 -9.69
C TYR B 80 -7.99 -16.04 -8.54
N LEU B 81 -8.51 -15.85 -7.32
CA LEU B 81 -7.75 -16.06 -6.09
C LEU B 81 -8.72 -16.33 -4.95
N GLN B 82 -8.52 -17.45 -4.26
CA GLN B 82 -9.34 -17.84 -3.13
C GLN B 82 -8.50 -17.86 -1.87
N MET B 83 -8.99 -17.20 -0.83
CA MET B 83 -8.31 -17.14 0.45
C MET B 83 -9.02 -18.01 1.47
N SER B 84 -8.30 -18.36 2.53
CA SER B 84 -8.87 -19.16 3.60
C SER B 84 -8.08 -18.88 4.87
N GLY B 85 -8.75 -18.99 6.01
CA GLY B 85 -8.13 -18.72 7.28
C GLY B 85 -7.60 -17.30 7.36
N LEU B 86 -8.39 -16.35 6.90
CA LEU B 86 -7.96 -14.96 6.87
C LEU B 86 -7.91 -14.39 8.28
N SER B 87 -6.74 -14.47 8.90
CA SER B 87 -6.56 -13.97 10.26
C SER B 87 -6.46 -12.45 10.26
N SER B 88 -6.37 -11.88 11.45
CA SER B 88 -6.39 -10.43 11.59
C SER B 88 -5.22 -9.79 10.85
N ALA B 89 -4.04 -10.39 10.93
CA ALA B 89 -2.88 -9.84 10.24
C ALA B 89 -2.99 -9.96 8.73
N ASP B 90 -3.96 -10.73 8.22
CA ASP B 90 -4.06 -10.98 6.79
C ASP B 90 -4.79 -9.86 6.05
N SER B 91 -5.33 -8.88 6.75
CA SER B 91 -5.96 -7.75 6.08
C SER B 91 -4.92 -7.04 5.21
N ALA B 92 -5.31 -6.77 3.97
CA ALA B 92 -4.37 -6.21 3.01
C ALA B 92 -5.14 -5.70 1.80
N ILE B 93 -4.54 -4.76 1.09
CA ILE B 93 -5.05 -4.30 -0.19
C ILE B 93 -4.39 -5.15 -1.27
N TYR B 94 -5.10 -6.17 -1.74
CA TYR B 94 -4.52 -7.10 -2.69
C TYR B 94 -4.47 -6.51 -4.10
N TYR B 95 -3.51 -6.97 -4.89
CA TYR B 95 -3.34 -6.55 -6.28
C TYR B 95 -3.05 -7.76 -7.15
N CYS B 96 -3.81 -7.91 -8.22
CA CYS B 96 -3.54 -8.90 -9.25
C CYS B 96 -2.59 -8.29 -10.27
N THR B 97 -1.57 -9.04 -10.68
CA THR B 97 -0.49 -8.47 -11.47
C THR B 97 -0.08 -9.41 -12.60
N ARG B 98 0.26 -8.82 -13.74
CA ARG B 98 0.77 -9.55 -14.89
C ARG B 98 2.27 -9.75 -14.76
N ASP B 99 2.75 -10.90 -15.25
CA ASP B 99 4.15 -11.27 -15.06
C ASP B 99 5.08 -10.26 -15.72
N GLY B 100 5.15 -10.25 -17.05
CA GLY B 100 5.74 -9.16 -17.79
C GLY B 100 7.22 -8.89 -17.58
N GLU B 101 7.82 -8.18 -18.53
CA GLU B 101 9.17 -7.64 -18.40
C GLU B 101 10.21 -8.73 -18.19
N ARG B 102 9.74 -9.98 -18.16
CA ARG B 102 10.58 -11.16 -17.96
C ARG B 102 11.30 -11.13 -16.61
N GLN B 103 11.96 -12.24 -16.27
CA GLN B 103 12.73 -12.37 -15.03
C GLN B 103 11.87 -12.17 -13.79
N GLY B 104 10.63 -12.66 -13.83
CA GLY B 104 9.79 -12.62 -12.65
C GLY B 104 9.44 -11.22 -12.20
N ALA B 105 9.15 -10.33 -13.12
CA ALA B 105 8.80 -8.96 -12.79
C ALA B 105 7.29 -8.87 -12.58
N MET B 106 6.77 -7.64 -12.54
CA MET B 106 5.35 -7.38 -12.25
C MET B 106 4.89 -6.33 -13.26
N ASP B 107 4.34 -6.75 -14.40
CA ASP B 107 4.11 -5.79 -15.46
C ASP B 107 2.87 -4.93 -15.21
N TYR B 108 1.70 -5.56 -15.14
CA TYR B 108 0.42 -4.84 -15.10
C TYR B 108 -0.32 -5.22 -13.84
N TRP B 109 -0.27 -4.34 -12.84
CA TRP B 109 -1.01 -4.55 -11.61
C TRP B 109 -2.47 -4.20 -11.81
N GLY B 110 -3.34 -4.94 -11.14
CA GLY B 110 -4.77 -4.73 -11.25
C GLY B 110 -5.21 -3.48 -10.52
N GLN B 111 -6.53 -3.29 -10.48
CA GLN B 111 -7.07 -2.10 -9.83
C GLN B 111 -6.75 -2.11 -8.34
N GLY B 112 -6.90 -3.25 -7.68
CA GLY B 112 -6.59 -3.34 -6.27
C GLY B 112 -7.82 -3.35 -5.39
N THR B 113 -8.04 -4.47 -4.69
CA THR B 113 -9.22 -4.64 -3.85
C THR B 113 -8.80 -4.64 -2.39
N SER B 114 -9.50 -3.86 -1.57
CA SER B 114 -9.23 -3.79 -0.15
C SER B 114 -9.98 -4.92 0.56
N VAL B 115 -9.25 -5.77 1.25
CA VAL B 115 -9.80 -6.91 1.96
C VAL B 115 -9.31 -6.88 3.40
N THR B 116 -10.23 -7.04 4.35
CA THR B 116 -9.88 -7.00 5.76
C THR B 116 -10.79 -7.93 6.53
N VAL B 117 -10.37 -8.27 7.75
CA VAL B 117 -11.17 -9.06 8.68
C VAL B 117 -11.29 -8.29 10.00
N SER B 118 -12.52 -8.17 10.49
CA SER B 118 -12.78 -7.58 11.80
C SER B 118 -14.21 -7.91 12.22
N SER B 119 -14.38 -8.47 13.42
CA SER B 119 -15.67 -8.94 13.89
C SER B 119 -16.44 -7.87 14.65
N ALA B 120 -16.23 -6.60 14.31
CA ALA B 120 -16.85 -5.50 15.03
C ALA B 120 -18.28 -5.22 14.60
N LYS B 121 -18.77 -5.91 13.57
CA LYS B 121 -20.13 -5.78 13.02
C LYS B 121 -20.29 -4.44 12.31
N THR B 122 -20.99 -4.44 11.18
CA THR B 122 -21.06 -3.25 10.34
C THR B 122 -22.14 -2.30 10.84
N THR B 123 -21.78 -1.04 11.01
CA THR B 123 -22.72 -0.02 11.47
C THR B 123 -22.64 1.21 10.57
N PRO B 124 -23.75 1.91 10.38
CA PRO B 124 -23.70 3.14 9.60
C PRO B 124 -22.94 4.22 10.35
N PRO B 125 -22.38 5.20 9.64
CA PRO B 125 -21.69 6.30 10.32
C PRO B 125 -22.67 7.12 11.14
N SER B 126 -22.43 7.16 12.46
CA SER B 126 -23.21 8.00 13.36
C SER B 126 -22.73 9.44 13.16
N VAL B 127 -23.18 10.03 12.06
CA VAL B 127 -22.67 11.32 11.64
C VAL B 127 -23.16 12.41 12.57
N TYR B 128 -22.26 13.33 12.92
CA TYR B 128 -22.57 14.51 13.73
C TYR B 128 -21.93 15.71 13.07
N PRO B 129 -22.62 16.83 13.01
CA PRO B 129 -21.98 18.05 12.54
C PRO B 129 -21.08 18.64 13.61
N LEU B 130 -20.12 19.45 13.17
CA LEU B 130 -19.15 20.04 14.07
C LEU B 130 -19.14 21.53 13.76
N ALA B 131 -20.08 22.24 14.32
CA ALA B 131 -20.21 23.65 14.02
C ALA B 131 -19.23 24.46 14.87
N PRO B 132 -18.62 25.50 14.29
CA PRO B 132 -17.66 26.29 15.07
C PRO B 132 -18.35 27.05 16.18
N GLY B 133 -17.57 27.36 17.21
CA GLY B 133 -18.09 28.11 18.33
C GLY B 133 -18.46 29.53 17.95
N SER B 134 -19.09 30.22 18.90
CA SER B 134 -19.49 31.60 18.66
C SER B 134 -18.30 32.50 18.38
N ALA B 135 -17.21 32.31 19.13
CA ALA B 135 -16.02 33.12 18.99
C ALA B 135 -15.07 32.59 17.92
N ALA B 136 -15.44 31.53 17.21
CA ALA B 136 -14.59 30.97 16.17
C ALA B 136 -14.70 31.70 14.84
N GLN B 137 -15.64 32.64 14.70
CA GLN B 137 -15.83 33.37 13.46
C GLN B 137 -14.97 34.63 13.51
N THR B 138 -13.85 34.62 12.78
CA THR B 138 -12.92 35.74 12.77
C THR B 138 -12.25 35.81 11.40
N ASN B 139 -12.01 37.04 10.94
CA ASN B 139 -11.27 37.31 9.71
C ASN B 139 -11.96 36.77 8.46
N SER B 140 -13.28 36.55 8.55
CA SER B 140 -14.08 36.10 7.40
C SER B 140 -13.52 34.83 6.77
N MET B 141 -13.05 33.92 7.62
CA MET B 141 -12.43 32.67 7.17
C MET B 141 -12.74 31.64 8.22
N VAL B 142 -13.65 30.72 7.92
CA VAL B 142 -14.25 29.84 8.91
C VAL B 142 -14.06 28.39 8.49
N THR B 143 -13.75 27.53 9.46
CA THR B 143 -13.63 26.10 9.26
C THR B 143 -14.78 25.39 9.95
N LEU B 144 -15.14 24.23 9.42
CA LEU B 144 -16.17 23.40 10.02
C LEU B 144 -15.99 21.99 9.49
N GLY B 145 -16.66 21.04 10.14
CA GLY B 145 -16.37 19.67 9.81
C GLY B 145 -17.52 18.69 9.98
N CYS B 146 -17.18 17.42 10.14
CA CYS B 146 -18.18 16.37 10.22
C CYS B 146 -17.56 15.22 11.01
N LEU B 147 -17.95 15.10 12.28
CA LEU B 147 -17.42 14.06 13.16
C LEU B 147 -18.04 12.72 12.77
N VAL B 148 -17.50 12.14 11.71
CA VAL B 148 -17.97 10.84 11.25
C VAL B 148 -17.39 9.77 12.16
N LYS B 149 -18.12 9.42 13.21
CA LYS B 149 -17.61 8.55 14.26
C LYS B 149 -18.42 7.25 14.32
N GLY B 150 -17.76 6.19 14.77
CA GLY B 150 -18.43 4.94 15.02
C GLY B 150 -19.01 4.26 13.81
N TYR B 151 -18.25 4.18 12.72
CA TYR B 151 -18.69 3.52 11.51
C TYR B 151 -17.89 2.24 11.29
N PHE B 152 -18.36 1.44 10.33
CA PHE B 152 -17.75 0.17 9.98
C PHE B 152 -18.22 -0.23 8.59
N PRO B 153 -17.36 -0.81 7.76
CA PRO B 153 -15.95 -1.12 8.01
C PRO B 153 -14.96 -0.36 7.15
N GLU B 154 -15.24 0.87 6.73
CA GLU B 154 -14.33 1.70 5.95
C GLU B 154 -14.19 1.14 4.55
N PRO B 155 -14.07 1.99 3.51
CA PRO B 155 -13.99 3.45 3.50
C PRO B 155 -15.34 4.15 3.62
N VAL B 156 -15.31 5.40 4.06
CA VAL B 156 -16.49 6.25 4.12
C VAL B 156 -16.14 7.53 3.36
N THR B 157 -16.93 7.85 2.34
CA THR B 157 -16.65 8.97 1.45
C THR B 157 -17.45 10.18 1.91
N VAL B 158 -16.77 11.18 2.45
CA VAL B 158 -17.39 12.41 2.90
C VAL B 158 -16.98 13.51 1.94
N THR B 159 -17.95 14.07 1.23
CA THR B 159 -17.74 15.18 0.32
C THR B 159 -18.76 16.25 0.64
N TRP B 160 -18.39 17.51 0.49
CA TRP B 160 -19.29 18.60 0.83
C TRP B 160 -19.90 19.23 -0.40
N ASN B 161 -21.19 19.57 -0.30
CA ASN B 161 -21.98 20.12 -1.40
C ASN B 161 -22.04 19.16 -2.58
N SER B 162 -22.17 17.87 -2.27
CA SER B 162 -22.25 16.82 -3.30
C SER B 162 -21.07 16.90 -4.27
N GLY B 163 -19.89 17.15 -3.72
CA GLY B 163 -18.69 17.28 -4.51
C GLY B 163 -18.41 18.66 -5.05
N SER B 164 -19.30 19.63 -4.80
CA SER B 164 -19.07 20.97 -5.34
C SER B 164 -18.00 21.71 -4.56
N LEU B 165 -17.91 21.49 -3.25
CA LEU B 165 -16.99 22.20 -2.38
C LEU B 165 -15.78 21.35 -2.01
N SER B 166 -15.22 20.61 -2.96
CA SER B 166 -14.06 19.77 -2.72
C SER B 166 -12.75 20.55 -2.71
N SER B 167 -12.81 21.88 -2.64
CA SER B 167 -11.59 22.67 -2.72
C SER B 167 -10.68 22.44 -1.52
N GLY B 168 -11.25 22.39 -0.31
CA GLY B 168 -10.45 22.29 0.90
C GLY B 168 -10.87 21.21 1.85
N VAL B 169 -11.26 20.05 1.32
CA VAL B 169 -11.73 18.95 2.14
C VAL B 169 -10.56 18.03 2.49
N HIS B 170 -10.39 17.77 3.78
CA HIS B 170 -9.45 16.77 4.28
C HIS B 170 -10.25 15.61 4.82
N THR B 171 -9.76 14.39 4.64
CA THR B 171 -10.39 13.20 5.20
C THR B 171 -9.31 12.49 6.01
N PHE B 172 -9.30 12.75 7.31
CA PHE B 172 -8.28 12.20 8.18
C PHE B 172 -8.42 10.69 8.22
N PRO B 173 -7.36 9.94 7.91
CA PRO B 173 -7.42 8.49 8.04
C PRO B 173 -7.88 8.09 9.44
N ALA B 174 -8.84 7.19 9.49
CA ALA B 174 -9.49 6.89 10.75
C ALA B 174 -8.59 6.05 11.64
N VAL B 175 -8.57 6.37 12.92
CA VAL B 175 -7.83 5.61 13.91
C VAL B 175 -8.83 4.96 14.85
N LEU B 176 -8.71 3.66 15.05
CA LEU B 176 -9.69 2.91 15.82
C LEU B 176 -9.58 3.22 17.30
N GLN B 177 -10.73 3.52 17.92
CA GLN B 177 -10.78 3.70 19.37
C GLN B 177 -11.18 2.41 20.08
N SER B 178 -12.38 1.91 19.80
CA SER B 178 -12.84 0.61 20.29
C SER B 178 -13.50 -0.11 19.12
N ASP B 179 -12.68 -0.75 18.28
CA ASP B 179 -13.16 -1.54 17.15
C ASP B 179 -14.13 -0.75 16.27
N LEU B 180 -13.85 0.53 16.09
CA LEU B 180 -14.74 1.39 15.30
C LEU B 180 -13.92 2.54 14.73
N TYR B 181 -13.72 2.53 13.43
CA TYR B 181 -13.04 3.64 12.78
C TYR B 181 -13.86 4.91 12.94
N THR B 182 -13.20 6.00 13.30
CA THR B 182 -13.83 7.31 13.43
C THR B 182 -13.01 8.30 12.63
N LEU B 183 -13.30 8.41 11.33
CA LEU B 183 -12.63 9.43 10.54
C LEU B 183 -13.23 10.78 10.86
N SER B 184 -12.81 11.78 10.11
CA SER B 184 -13.38 13.11 10.22
C SER B 184 -13.07 13.86 8.94
N SER B 185 -13.73 14.99 8.76
CA SER B 185 -13.50 15.85 7.62
C SER B 185 -13.38 17.29 8.09
N SER B 186 -12.71 18.10 7.28
CA SER B 186 -12.52 19.51 7.60
C SER B 186 -12.56 20.30 6.29
N VAL B 187 -13.48 21.25 6.20
CA VAL B 187 -13.68 22.02 5.00
C VAL B 187 -13.57 23.50 5.34
N THR B 188 -12.75 24.22 4.58
CA THR B 188 -12.53 25.65 4.82
C THR B 188 -13.49 26.46 3.95
N VAL B 189 -14.77 26.31 4.24
CA VAL B 189 -15.81 27.03 3.52
C VAL B 189 -15.70 28.52 3.83
N PRO B 190 -15.73 29.40 2.84
CA PRO B 190 -15.64 30.84 3.12
C PRO B 190 -16.81 31.33 3.95
N SER B 191 -16.54 32.36 4.77
CA SER B 191 -17.58 32.92 5.62
C SER B 191 -18.65 33.66 4.82
N SER B 192 -18.39 33.96 3.55
CA SER B 192 -19.38 34.64 2.73
C SER B 192 -20.52 33.74 2.29
N THR B 193 -20.41 32.43 2.52
CA THR B 193 -21.43 31.49 2.07
C THR B 193 -21.89 30.48 3.11
N TRP B 194 -21.15 30.30 4.21
CA TRP B 194 -21.52 29.28 5.20
C TRP B 194 -22.90 29.53 5.81
N PRO B 195 -23.23 30.70 6.35
CA PRO B 195 -24.58 30.89 6.88
C PRO B 195 -25.60 31.22 5.82
N SER B 196 -25.18 31.66 4.64
CA SER B 196 -26.11 32.03 3.58
C SER B 196 -26.60 30.79 2.84
N GLU B 197 -25.68 30.06 2.20
CA GLU B 197 -25.99 28.83 1.50
C GLU B 197 -25.45 27.68 2.33
N THR B 198 -26.35 26.88 2.91
CA THR B 198 -25.93 25.85 3.83
C THR B 198 -25.03 24.83 3.14
N VAL B 199 -24.05 24.32 3.88
CA VAL B 199 -23.08 23.36 3.39
C VAL B 199 -23.40 22.01 4.02
N THR B 200 -23.82 21.06 3.20
CA THR B 200 -24.20 19.76 3.71
C THR B 200 -22.98 18.87 3.89
N CYS B 201 -23.16 17.79 4.62
CA CYS B 201 -22.13 16.77 4.83
C CYS B 201 -22.65 15.48 4.22
N ASN B 202 -22.44 15.31 2.93
CA ASN B 202 -22.91 14.13 2.22
C ASN B 202 -21.94 12.99 2.53
N VAL B 203 -22.35 12.10 3.43
CA VAL B 203 -21.54 10.96 3.83
C VAL B 203 -22.10 9.71 3.18
N ALA B 204 -21.29 9.06 2.36
CA ALA B 204 -21.72 7.92 1.56
C ALA B 204 -20.93 6.70 1.99
N HIS B 205 -21.46 5.97 2.97
CA HIS B 205 -20.85 4.73 3.40
C HIS B 205 -21.30 3.63 2.45
N PRO B 206 -20.40 3.04 1.66
CA PRO B 206 -20.84 2.00 0.71
C PRO B 206 -21.42 0.77 1.37
N ALA B 207 -20.97 0.42 2.57
CA ALA B 207 -21.44 -0.81 3.21
C ALA B 207 -22.93 -0.76 3.48
N SER B 208 -23.40 0.30 4.13
CA SER B 208 -24.82 0.46 4.42
C SER B 208 -25.55 1.19 3.30
N SER B 209 -24.81 1.73 2.33
CA SER B 209 -25.40 2.40 1.16
C SER B 209 -26.31 3.55 1.57
N THR B 210 -25.75 4.48 2.33
CA THR B 210 -26.48 5.63 2.83
C THR B 210 -25.86 6.91 2.31
N LYS B 211 -26.66 7.97 2.37
CA LYS B 211 -26.22 9.31 2.03
C LYS B 211 -26.30 10.27 3.22
N VAL B 212 -27.39 10.20 3.99
CA VAL B 212 -27.61 10.92 5.25
C VAL B 212 -26.84 12.23 5.33
N ASP B 213 -26.96 13.07 4.31
CA ASP B 213 -26.36 14.39 4.34
C ASP B 213 -26.94 15.19 5.51
N LYS B 214 -26.07 15.87 6.24
CA LYS B 214 -26.47 16.64 7.42
C LYS B 214 -26.09 18.09 7.21
N LYS B 215 -27.10 18.92 6.94
CA LYS B 215 -26.87 20.36 6.87
C LYS B 215 -26.37 20.85 8.21
N ILE B 216 -25.32 21.66 8.18
CA ILE B 216 -24.70 22.13 9.42
C ILE B 216 -25.52 23.32 9.94
N VAL B 217 -25.99 23.20 11.19
CA VAL B 217 -26.84 24.21 11.80
C VAL B 217 -25.96 25.14 12.63
N PRO B 218 -25.84 26.42 12.27
CA PRO B 218 -25.02 27.42 12.96
C PRO B 218 -25.32 27.52 14.44
N GLU C 62 12.61 -39.97 -9.33
CA GLU C 62 13.07 -40.39 -10.65
C GLU C 62 13.58 -39.19 -11.46
N GLY C 63 13.09 -38.01 -11.10
CA GLY C 63 13.55 -36.80 -11.74
C GLY C 63 14.83 -36.24 -11.18
N ASN C 64 15.35 -36.84 -10.11
CA ASN C 64 16.59 -36.38 -9.50
C ASN C 64 17.83 -37.12 -10.00
N CYS C 65 17.67 -38.07 -10.92
CA CYS C 65 18.80 -38.83 -11.44
C CYS C 65 18.76 -38.85 -12.96
N ALA C 66 19.92 -38.62 -13.57
CA ALA C 66 20.04 -38.45 -15.01
C ALA C 66 21.23 -39.25 -15.53
N GLU C 67 21.17 -39.60 -16.80
CA GLU C 67 22.20 -40.39 -17.47
C GLU C 67 22.68 -39.64 -18.71
N GLY C 68 23.98 -39.39 -18.78
CA GLY C 68 24.58 -38.71 -19.91
C GLY C 68 24.05 -37.31 -20.09
N LEU C 69 23.98 -36.87 -21.35
CA LEU C 69 23.35 -35.59 -21.67
C LEU C 69 21.92 -35.60 -21.19
N GLY C 70 21.50 -34.51 -20.54
CA GLY C 70 20.32 -34.61 -19.71
C GLY C 70 18.99 -34.20 -20.31
N THR C 71 18.27 -35.15 -20.88
CA THR C 71 16.91 -34.89 -21.34
C THR C 71 15.88 -35.37 -20.33
N ASN C 72 16.30 -36.13 -19.32
CA ASN C 72 15.39 -36.66 -18.33
C ASN C 72 15.45 -35.92 -17.00
N TYR C 73 16.38 -35.01 -16.82
CA TYR C 73 16.46 -34.27 -15.57
C TYR C 73 15.37 -33.20 -15.53
N ARG C 74 14.41 -33.37 -14.61
CA ARG C 74 13.44 -32.34 -14.26
C ARG C 74 13.69 -31.88 -12.83
N GLY C 75 14.95 -31.66 -12.51
CA GLY C 75 15.39 -31.47 -11.13
C GLY C 75 15.16 -30.07 -10.61
N HIS C 76 16.13 -29.59 -9.84
CA HIS C 76 16.00 -28.30 -9.18
C HIS C 76 17.26 -27.46 -9.21
N VAL C 77 18.42 -28.03 -9.53
CA VAL C 77 19.68 -27.33 -9.42
C VAL C 77 19.64 -26.05 -10.25
N ASN C 78 20.13 -24.97 -9.68
CA ASN C 78 20.36 -23.74 -10.41
C ASN C 78 21.84 -23.55 -10.71
N ILE C 79 22.69 -23.88 -9.74
CA ILE C 79 24.11 -23.57 -9.86
C ILE C 79 24.72 -24.30 -11.05
N THR C 80 25.49 -23.57 -11.85
CA THR C 80 26.16 -24.13 -13.01
C THR C 80 27.54 -24.66 -12.60
N ARG C 81 28.30 -25.14 -13.57
CA ARG C 81 29.66 -25.55 -13.29
C ARG C 81 30.58 -24.36 -13.04
N SER C 82 30.15 -23.17 -13.44
CA SER C 82 30.92 -21.94 -13.21
C SER C 82 30.43 -21.16 -12.00
N GLY C 83 29.53 -21.73 -11.21
CA GLY C 83 28.98 -21.01 -10.08
C GLY C 83 28.02 -19.91 -10.45
N ILE C 84 27.47 -19.93 -11.65
CA ILE C 84 26.63 -18.86 -12.17
C ILE C 84 25.19 -19.37 -12.21
N GLU C 85 24.25 -18.51 -11.82
CA GLU C 85 22.85 -18.86 -11.80
C GLU C 85 22.27 -18.86 -13.22
N CYS C 86 21.09 -19.44 -13.36
CA CYS C 86 20.40 -19.50 -14.63
C CYS C 86 19.35 -18.40 -14.74
N GLN C 87 18.93 -18.12 -15.97
CA GLN C 87 17.88 -17.15 -16.25
C GLN C 87 16.60 -17.89 -16.57
N LEU C 88 15.47 -17.33 -16.10
CA LEU C 88 14.20 -18.03 -16.13
C LEU C 88 13.83 -18.47 -17.54
N TRP C 89 13.24 -19.66 -17.64
CA TRP C 89 12.83 -20.17 -18.94
C TRP C 89 11.77 -19.29 -19.58
N ARG C 90 11.01 -18.56 -18.77
CA ARG C 90 9.97 -17.68 -19.26
C ARG C 90 10.44 -16.27 -19.54
N SER C 91 11.75 -16.02 -19.49
CA SER C 91 12.29 -14.68 -19.55
C SER C 91 13.08 -14.49 -20.84
N ARG C 92 12.84 -13.38 -21.52
CA ARG C 92 13.62 -12.98 -22.67
C ARG C 92 14.84 -12.14 -22.30
N TYR C 93 14.94 -11.73 -21.04
CA TYR C 93 16.08 -10.95 -20.56
C TYR C 93 16.87 -11.75 -19.53
N PRO C 94 18.20 -11.81 -19.66
CA PRO C 94 19.05 -11.14 -20.65
C PRO C 94 19.16 -11.92 -21.96
N HIS C 95 18.78 -13.19 -21.97
CA HIS C 95 18.88 -14.04 -23.15
C HIS C 95 17.48 -14.37 -23.65
N LYS C 96 17.23 -14.10 -24.92
CA LYS C 96 15.96 -14.48 -25.51
C LYS C 96 15.97 -15.97 -25.80
N PRO C 97 15.10 -16.76 -25.19
CA PRO C 97 15.16 -18.21 -25.41
C PRO C 97 14.78 -18.58 -26.83
N GLU C 98 15.75 -19.04 -27.61
CA GLU C 98 15.42 -19.62 -28.90
C GLU C 98 14.54 -20.84 -28.73
N ILE C 99 14.72 -21.58 -27.63
CA ILE C 99 13.84 -22.66 -27.24
C ILE C 99 13.25 -22.29 -25.90
N ASN C 100 11.92 -22.21 -25.82
CA ASN C 100 11.24 -21.68 -24.65
C ASN C 100 10.07 -22.59 -24.30
N SER C 101 9.40 -22.28 -23.19
CA SER C 101 8.31 -23.11 -22.73
C SER C 101 7.03 -22.75 -23.49
N THR C 102 7.13 -22.66 -24.81
CA THR C 102 5.97 -22.53 -25.68
C THR C 102 6.01 -23.47 -26.88
N THR C 103 7.19 -23.94 -27.28
CA THR C 103 7.32 -24.89 -28.38
C THR C 103 7.58 -26.31 -27.93
N HIS C 104 8.06 -26.50 -26.70
CA HIS C 104 8.27 -27.83 -26.12
C HIS C 104 7.65 -27.88 -24.73
N PRO C 105 6.32 -27.82 -24.66
CA PRO C 105 5.68 -27.87 -23.33
C PRO C 105 5.88 -29.20 -22.61
N GLY C 106 6.24 -30.26 -23.32
CA GLY C 106 6.44 -31.55 -22.66
C GLY C 106 7.54 -31.51 -21.61
N ALA C 107 8.64 -30.84 -21.94
CA ALA C 107 9.72 -30.68 -20.97
C ALA C 107 9.30 -29.74 -19.85
N ASP C 108 9.89 -29.95 -18.67
CA ASP C 108 9.56 -29.17 -17.47
C ASP C 108 10.56 -28.03 -17.35
N LEU C 109 10.25 -26.91 -18.00
CA LEU C 109 11.10 -25.74 -17.96
C LEU C 109 10.43 -24.68 -17.10
N GLN C 110 10.86 -24.58 -15.84
CA GLN C 110 10.25 -23.66 -14.88
C GLN C 110 11.32 -22.92 -14.10
N GLU C 111 11.09 -21.63 -13.87
CA GLU C 111 12.04 -20.72 -13.20
C GLU C 111 13.39 -20.87 -13.89
N ASN C 112 14.49 -21.00 -13.15
CA ASN C 112 15.82 -21.07 -13.72
C ASN C 112 16.49 -22.39 -13.38
N PHE C 113 15.76 -23.49 -13.55
CA PHE C 113 16.32 -24.81 -13.29
C PHE C 113 17.11 -25.31 -14.50
N CYS C 114 18.21 -26.01 -14.21
CA CYS C 114 19.07 -26.54 -15.27
C CYS C 114 18.36 -27.68 -15.98
N ARG C 115 17.86 -27.40 -17.19
CA ARG C 115 17.10 -28.36 -17.97
C ARG C 115 17.61 -28.37 -19.40
N ASN C 116 17.78 -29.56 -19.96
CA ASN C 116 18.21 -29.68 -21.35
C ASN C 116 17.06 -30.21 -22.19
N PRO C 117 16.37 -29.36 -22.95
CA PRO C 117 15.25 -29.83 -23.77
C PRO C 117 15.66 -30.22 -25.19
N ASP C 118 16.77 -29.67 -25.68
CA ASP C 118 17.19 -29.87 -27.06
C ASP C 118 18.13 -31.05 -27.23
N SER C 119 18.44 -31.77 -26.16
CA SER C 119 19.33 -32.93 -26.19
C SER C 119 20.71 -32.55 -26.73
N SER C 120 21.37 -31.65 -26.01
CA SER C 120 22.71 -31.21 -26.36
C SER C 120 23.75 -32.06 -25.68
N THR C 121 24.86 -32.32 -26.38
CA THR C 121 25.85 -33.29 -25.93
C THR C 121 26.58 -32.86 -24.66
N THR C 122 26.70 -31.55 -24.40
CA THR C 122 27.49 -31.10 -23.26
C THR C 122 26.90 -31.56 -21.94
N GLY C 123 25.59 -31.46 -21.80
CA GLY C 123 24.92 -31.88 -20.58
C GLY C 123 23.75 -30.97 -20.27
N PRO C 124 23.04 -31.25 -19.19
CA PRO C 124 21.95 -30.37 -18.77
C PRO C 124 22.45 -28.95 -18.59
N TRP C 125 21.68 -28.00 -19.11
CA TRP C 125 22.10 -26.61 -19.19
C TRP C 125 20.94 -25.73 -18.79
N CYS C 126 21.22 -24.44 -18.67
CA CYS C 126 20.18 -23.45 -18.45
C CYS C 126 20.66 -22.13 -19.02
N TYR C 127 19.73 -21.33 -19.50
CA TYR C 127 20.10 -20.07 -20.13
C TYR C 127 20.78 -19.21 -19.09
N THR C 128 22.10 -19.10 -19.20
CA THR C 128 22.91 -18.56 -18.13
C THR C 128 22.58 -17.10 -17.87
N THR C 129 22.48 -16.75 -16.59
CA THR C 129 22.16 -15.37 -16.21
C THR C 129 23.18 -14.40 -16.78
N ASP C 130 24.44 -14.79 -16.80
CA ASP C 130 25.47 -13.90 -17.29
C ASP C 130 25.24 -13.58 -18.76
N PRO C 131 25.30 -12.31 -19.16
CA PRO C 131 25.14 -11.99 -20.59
C PRO C 131 26.24 -12.57 -21.47
N THR C 132 27.37 -12.94 -20.89
CA THR C 132 28.50 -13.40 -21.69
C THR C 132 28.17 -14.72 -22.39
N VAL C 133 27.61 -15.68 -21.67
CA VAL C 133 27.40 -17.02 -22.20
C VAL C 133 25.91 -17.33 -22.22
N ARG C 134 25.43 -17.80 -23.36
CA ARG C 134 24.02 -18.06 -23.55
C ARG C 134 23.56 -19.32 -22.83
N ARG C 135 24.46 -20.28 -22.65
CA ARG C 135 24.08 -21.53 -22.02
C ARG C 135 25.32 -22.21 -21.45
N GLN C 136 25.19 -22.72 -20.23
CA GLN C 136 26.27 -23.47 -19.59
C GLN C 136 25.67 -24.68 -18.88
N GLU C 137 26.50 -25.70 -18.70
CA GLU C 137 26.07 -26.93 -18.07
C GLU C 137 25.89 -26.72 -16.57
N CYS C 138 25.47 -27.77 -15.88
CA CYS C 138 25.21 -27.71 -14.45
C CYS C 138 25.71 -28.99 -13.79
N SER C 139 26.44 -28.84 -12.70
CA SER C 139 27.03 -30.00 -12.04
C SER C 139 25.94 -30.97 -11.59
N ILE C 140 26.22 -32.26 -11.74
CA ILE C 140 25.28 -33.32 -11.40
C ILE C 140 26.02 -34.65 -11.39
N PRO C 141 25.68 -35.57 -10.51
CA PRO C 141 26.18 -36.95 -10.63
C PRO C 141 25.45 -37.66 -11.77
N VAL C 142 25.63 -38.97 -11.83
CA VAL C 142 24.98 -39.82 -12.82
C VAL C 142 24.03 -40.77 -12.12
N CYS C 143 22.85 -40.95 -12.71
CA CYS C 143 21.89 -41.92 -12.20
C CYS C 143 22.42 -43.33 -12.38
N GLY C 144 22.04 -44.22 -11.46
CA GLY C 144 22.38 -45.62 -11.59
C GLY C 144 23.87 -45.88 -11.69
N GLN C 145 24.64 -45.22 -10.84
CA GLN C 145 26.10 -45.37 -10.82
C GLN C 145 26.72 -45.08 -12.19
#